data_2NO0
#
_entry.id   2NO0
#
_cell.length_a   52.300
_cell.length_b   132.400
_cell.length_c   157.300
_cell.angle_alpha   90.00
_cell.angle_beta   90.00
_cell.angle_gamma   90.00
#
_symmetry.space_group_name_H-M   'C 2 2 21'
#
loop_
_entity.id
_entity.type
_entity.pdbx_description
1 polymer 'Deoxycytidine kinase'
2 non-polymer "ADENOSINE-5'-DIPHOSPHATE"
3 non-polymer GEMCITABINE
4 water water
#
_entity_poly.entity_id   1
_entity_poly.type   'polypeptide(L)'
_entity_poly.pdbx_seq_one_letter_code
;MGSSHHHHHHSSGLVPRGSHMATPPKRSSPSFSASSEGTRIKKISIEGNIAAGKSTFVNILKQLSEDWEVVPEPVARWSN
VQSTQDEFEELTMSQKNGGNVLQMMYEKPERWSFTFQTYACLSRIRAQLASLNGKLKDAEKPVLFFERSVYSDRYIFASN
LYESESMNETEWTIYQDWHDWMNNQFGQSLELDGIIYLQATPETCLHRIYLRGRNEEQGIPLEYLEKLHYKHESWLLHRT
LKTNFDYLQEVPILTLDVNEDFKDKYESLVEKVKEFLSTL
;
_entity_poly.pdbx_strand_id   A,B
#
loop_
_chem_comp.id
_chem_comp.type
_chem_comp.name
_chem_comp.formula
ADP non-polymer ADENOSINE-5'-DIPHOSPHATE 'C10 H15 N5 O10 P2'
GEO non-polymer GEMCITABINE 'C9 H11 F2 N3 O4'
#
# COMPACT_ATOMS: atom_id res chain seq x y z
N THR A 39 -11.67 17.59 -10.93
CA THR A 39 -11.88 18.66 -9.91
C THR A 39 -11.56 20.05 -10.47
N ARG A 40 -12.32 21.05 -10.02
CA ARG A 40 -11.99 22.44 -10.28
C ARG A 40 -11.13 22.97 -9.13
N ILE A 41 -10.87 22.11 -8.14
CA ILE A 41 -10.04 22.43 -6.97
C ILE A 41 -8.58 22.52 -7.41
N LYS A 42 -7.92 23.64 -7.11
CA LYS A 42 -6.49 23.77 -7.37
C LYS A 42 -5.79 23.07 -6.22
N LYS A 43 -4.75 22.31 -6.54
CA LYS A 43 -4.02 21.57 -5.51
C LYS A 43 -2.63 22.16 -5.38
N ILE A 44 -2.26 22.54 -4.16
CA ILE A 44 -0.96 23.16 -3.93
C ILE A 44 -0.28 22.42 -2.80
N SER A 45 0.91 21.88 -3.04
CA SER A 45 1.62 21.21 -1.96
C SER A 45 2.56 22.19 -1.25
N ILE A 46 2.62 22.10 0.08
CA ILE A 46 3.57 22.87 0.84
C ILE A 46 4.70 21.92 1.19
N GLU A 47 5.92 22.27 0.81
CA GLU A 47 7.04 21.36 0.97
C GLU A 47 8.12 22.03 1.80
N GLY A 48 8.96 21.23 2.43
CA GLY A 48 9.96 21.79 3.33
C GLY A 48 10.47 20.75 4.33
N ASN A 49 11.57 21.08 4.96
CA ASN A 49 12.27 20.12 5.78
C ASN A 49 11.49 19.95 7.08
N ILE A 50 11.95 19.03 7.91
CA ILE A 50 11.31 18.76 9.20
C ILE A 50 11.32 20.01 10.10
N ALA A 51 10.14 20.46 10.54
CA ALA A 51 9.98 21.59 11.47
C ALA A 51 10.32 22.93 10.82
N ALA A 52 10.35 22.96 9.48
CA ALA A 52 10.53 24.24 8.75
C ALA A 52 9.44 25.26 9.14
N GLY A 53 8.23 24.76 9.41
CA GLY A 53 7.07 25.59 9.82
C GLY A 53 5.87 25.53 8.89
N LYS A 54 5.72 24.40 8.19
CA LYS A 54 4.69 24.21 7.18
C LYS A 54 3.29 24.17 7.79
N SER A 55 3.13 23.39 8.86
CA SER A 55 1.82 23.32 9.55
C SER A 55 1.42 24.69 10.06
N THR A 56 2.36 25.34 10.74
CA THR A 56 2.19 26.67 11.39
C THR A 56 1.74 27.69 10.32
N PHE A 57 2.50 27.76 9.23
CA PHE A 57 2.22 28.74 8.20
C PHE A 57 0.90 28.46 7.46
N VAL A 58 0.70 27.23 6.97
CA VAL A 58 -0.44 26.95 6.11
C VAL A 58 -1.75 27.01 6.88
N ASN A 59 -1.72 26.66 8.16
CA ASN A 59 -2.95 26.67 8.95
C ASN A 59 -3.39 28.05 9.37
N ILE A 60 -2.45 28.98 9.32
CA ILE A 60 -2.78 30.39 9.53
C ILE A 60 -3.23 30.99 8.19
N LEU A 61 -2.49 30.67 7.13
CA LEU A 61 -2.76 31.18 5.80
C LEU A 61 -4.16 30.82 5.30
N LYS A 62 -4.61 29.60 5.61
CA LYS A 62 -5.87 29.09 5.10
C LYS A 62 -7.12 29.89 5.62
N GLN A 63 -6.96 30.59 6.73
CA GLN A 63 -8.07 31.39 7.30
C GLN A 63 -8.37 32.64 6.43
N LEU A 64 -7.42 33.01 5.57
CA LEU A 64 -7.62 34.15 4.68
C LEU A 64 -8.76 34.03 3.69
N SER A 65 -9.22 32.81 3.44
CA SER A 65 -10.33 32.57 2.52
C SER A 65 -11.10 31.31 2.84
N GLU A 66 -12.44 31.40 2.82
CA GLU A 66 -13.32 30.23 3.00
C GLU A 66 -13.17 29.23 1.85
N ASP A 67 -12.54 29.67 0.77
CA ASP A 67 -12.25 28.79 -0.36
C ASP A 67 -10.95 27.98 -0.16
N TRP A 68 -10.20 28.28 0.89
CA TRP A 68 -8.91 27.62 1.15
C TRP A 68 -9.02 26.61 2.30
N GLU A 69 -8.59 25.37 2.06
CA GLU A 69 -8.53 24.32 3.06
C GLU A 69 -7.20 23.60 3.00
N VAL A 70 -6.88 22.86 4.06
CA VAL A 70 -5.58 22.17 4.17
C VAL A 70 -5.87 20.68 4.38
N VAL A 71 -5.04 19.83 3.77
CA VAL A 71 -4.98 18.42 4.13
C VAL A 71 -3.69 18.20 4.95
N PRO A 72 -3.80 18.02 6.29
CA PRO A 72 -2.57 17.88 7.06
C PRO A 72 -1.83 16.57 6.78
N GLU A 73 -0.53 16.53 7.05
CA GLU A 73 0.19 15.25 7.01
C GLU A 73 -0.29 14.33 8.16
N PRO A 74 -0.55 13.03 7.88
CA PRO A 74 -1.13 12.12 8.92
C PRO A 74 -0.18 11.67 10.01
N VAL A 75 0.62 12.60 10.55
CA VAL A 75 1.65 12.24 11.50
C VAL A 75 1.06 11.56 12.74
N ALA A 76 -0.11 12.03 13.23
CA ALA A 76 -0.73 11.36 14.38
C ALA A 76 -1.02 9.89 14.13
N ARG A 77 -1.37 9.56 12.87
CA ARG A 77 -1.67 8.18 12.48
C ARG A 77 -0.41 7.34 12.49
N TRP A 78 0.74 7.99 12.37
CA TRP A 78 2.00 7.27 12.42
C TRP A 78 2.56 7.05 13.82
N SER A 79 2.28 7.96 14.74
CA SER A 79 2.75 7.79 16.12
C SER A 79 1.77 6.97 16.97
N ASN A 80 0.58 6.71 16.44
CA ASN A 80 -0.42 5.90 17.13
C ASN A 80 -1.11 5.05 16.04
N VAL A 81 -0.54 3.88 15.76
CA VAL A 81 -1.00 3.07 14.65
C VAL A 81 -2.32 2.30 14.98
N GLN A 82 -3.34 2.54 14.17
CA GLN A 82 -4.70 1.99 14.35
C GLN A 82 -5.33 1.60 13.03
N SER A 83 -6.11 0.53 13.05
CA SER A 83 -6.94 0.21 11.90
C SER A 83 -8.41 0.15 12.37
N THR A 84 -9.33 0.18 11.41
CA THR A 84 -10.76 0.33 11.71
C THR A 84 -11.33 -0.86 12.49
N GLN A 85 -12.20 -0.55 13.45
CA GLN A 85 -12.89 -1.56 14.21
C GLN A 85 -14.14 -2.05 13.47
N ASP A 86 -14.50 -3.29 13.74
CA ASP A 86 -15.76 -3.90 13.28
C ASP A 86 -16.94 -3.12 13.91
N GLU A 87 -18.06 -2.98 13.17
CA GLU A 87 -19.22 -2.16 13.62
C GLU A 87 -19.86 -2.62 14.94
N PHE A 88 -19.68 -3.89 15.28
CA PHE A 88 -20.27 -4.42 16.55
C PHE A 88 -19.22 -4.38 17.65
N GLU A 89 -17.99 -4.75 17.30
CA GLU A 89 -16.88 -4.70 18.27
C GLU A 89 -16.67 -3.30 18.86
N GLU A 90 -16.79 -2.27 18.05
CA GLU A 90 -16.57 -0.90 18.54
C GLU A 90 -17.62 -0.41 19.55
N LEU A 91 -18.77 -1.06 19.61
CA LEU A 91 -19.76 -0.69 20.61
C LEU A 91 -19.39 -1.12 22.03
N THR A 92 -18.47 -2.09 22.15
CA THR A 92 -18.11 -2.59 23.50
C THR A 92 -16.61 -2.58 23.79
N MET A 93 -15.80 -2.35 22.75
CA MET A 93 -14.36 -2.28 22.86
C MET A 93 -13.85 -0.93 22.42
N SER A 94 -12.95 -0.37 23.23
CA SER A 94 -12.34 0.90 22.95
C SER A 94 -11.42 0.77 21.72
N GLN A 95 -11.09 1.89 21.10
CA GLN A 95 -10.09 1.89 20.03
C GLN A 95 -8.77 2.19 20.73
N LYS A 96 -7.91 1.18 20.88
CA LYS A 96 -6.73 1.31 21.75
C LYS A 96 -5.57 1.98 21.04
N ASN A 97 -4.65 2.52 21.85
CA ASN A 97 -3.39 3.07 21.31
C ASN A 97 -2.54 1.95 20.73
N GLY A 98 -2.06 2.19 19.52
CA GLY A 98 -1.23 1.24 18.82
C GLY A 98 0.23 1.62 18.97
N GLY A 99 1.06 0.97 18.18
CA GLY A 99 2.51 1.23 18.18
C GLY A 99 2.82 2.59 17.56
N ASN A 100 4.07 2.99 17.66
CA ASN A 100 4.50 4.27 17.10
C ASN A 100 5.52 3.91 16.00
N VAL A 101 5.08 3.86 14.76
CA VAL A 101 5.99 3.45 13.67
C VAL A 101 6.95 4.58 13.30
N LEU A 102 6.55 5.81 13.61
CA LEU A 102 7.49 6.94 13.44
C LEU A 102 8.71 6.74 14.37
N GLN A 103 8.45 6.45 15.62
CA GLN A 103 9.51 6.17 16.58
C GLN A 103 10.32 4.96 16.19
N MET A 104 9.64 3.92 15.73
CA MET A 104 10.37 2.71 15.26
C MET A 104 11.34 3.00 14.16
N MET A 105 10.92 3.83 13.18
CA MET A 105 11.82 4.23 12.12
C MET A 105 13.05 5.02 12.65
N TYR A 106 12.83 5.94 13.56
CA TYR A 106 13.94 6.73 14.09
C TYR A 106 14.89 5.87 14.94
N GLU A 107 14.31 4.91 15.67
CA GLU A 107 15.11 4.02 16.53
C GLU A 107 15.96 3.02 15.74
N LYS A 108 15.42 2.50 14.65
CA LYS A 108 16.15 1.50 13.87
C LYS A 108 15.77 1.64 12.44
N PRO A 109 16.30 2.67 11.76
CA PRO A 109 15.88 2.90 10.37
C PRO A 109 16.15 1.74 9.37
N GLU A 110 17.25 1.00 9.54
CA GLU A 110 17.55 -0.09 8.64
C GLU A 110 16.51 -1.23 8.74
N ARG A 111 15.80 -1.30 9.86
CA ARG A 111 14.73 -2.30 10.03
C ARG A 111 13.34 -1.79 9.60
N TRP A 112 13.06 -0.52 9.96
CA TRP A 112 11.67 0.02 9.89
C TRP A 112 11.38 1.05 8.83
N SER A 113 12.41 1.46 8.06
CA SER A 113 12.23 2.52 7.07
C SER A 113 11.22 2.14 6.00
N PHE A 114 11.36 0.95 5.44
CA PHE A 114 10.45 0.53 4.40
C PHE A 114 9.00 0.54 4.92
N THR A 115 8.78 -0.07 6.08
CA THR A 115 7.42 -0.20 6.64
C THR A 115 6.84 1.19 6.87
N PHE A 116 7.66 2.05 7.48
CA PHE A 116 7.24 3.43 7.73
C PHE A 116 6.91 4.17 6.45
N GLN A 117 7.81 4.14 5.47
CA GLN A 117 7.60 4.94 4.27
C GLN A 117 6.36 4.47 3.47
N THR A 118 6.15 3.15 3.45
CA THR A 118 5.01 2.56 2.76
C THR A 118 3.72 3.05 3.42
N TYR A 119 3.63 2.93 4.75
CA TYR A 119 2.47 3.41 5.46
C TYR A 119 2.25 4.93 5.34
N ALA A 120 3.35 5.69 5.36
CA ALA A 120 3.28 7.16 5.33
C ALA A 120 2.55 7.56 4.05
N CYS A 121 2.98 6.99 2.94
CA CYS A 121 2.46 7.39 1.64
C CYS A 121 0.99 6.91 1.48
N LEU A 122 0.71 5.66 1.88
CA LEU A 122 -0.66 5.11 1.83
C LEU A 122 -1.65 6.00 2.59
N SER A 123 -1.25 6.37 3.82
CA SER A 123 -2.09 7.16 4.72
C SER A 123 -2.27 8.57 4.16
N ARG A 124 -1.26 9.07 3.44
CA ARG A 124 -1.34 10.38 2.83
C ARG A 124 -2.32 10.38 1.67
N ILE A 125 -2.17 9.40 0.78
CA ILE A 125 -3.06 9.28 -0.37
C ILE A 125 -4.49 9.15 0.11
N ARG A 126 -4.72 8.31 1.13
CA ARG A 126 -6.08 8.19 1.66
C ARG A 126 -6.62 9.54 2.12
N ALA A 127 -5.83 10.29 2.86
CA ALA A 127 -6.29 11.57 3.38
C ALA A 127 -6.52 12.59 2.25
N GLN A 128 -5.59 12.63 1.31
CA GLN A 128 -5.69 13.61 0.22
C GLN A 128 -6.86 13.33 -0.70
N LEU A 129 -7.04 12.06 -1.03
CA LEU A 129 -8.17 11.71 -1.90
C LEU A 129 -9.52 11.97 -1.24
N ALA A 130 -9.66 11.63 0.04
CA ALA A 130 -10.93 11.88 0.71
C ALA A 130 -11.26 13.38 0.77
N SER A 131 -10.24 14.21 0.97
CA SER A 131 -10.47 15.65 1.05
C SER A 131 -10.78 16.29 -0.30
N LEU A 132 -10.20 15.75 -1.37
CA LEU A 132 -10.54 16.16 -2.73
C LEU A 132 -11.98 15.86 -3.07
N ASN A 133 -12.43 14.68 -2.64
CA ASN A 133 -13.77 14.20 -2.93
C ASN A 133 -14.84 14.87 -2.05
N GLY A 134 -14.45 15.42 -0.90
CA GLY A 134 -15.43 15.84 0.08
C GLY A 134 -15.50 17.30 0.49
N LYS A 135 -14.38 18.02 0.39
CA LYS A 135 -14.32 19.43 0.79
C LYS A 135 -14.60 20.45 -0.34
N LEU A 136 -14.73 21.72 0.04
CA LEU A 136 -14.76 22.84 -0.92
C LEU A 136 -15.85 22.79 -2.02
N LYS A 137 -17.00 22.18 -1.71
CA LYS A 137 -18.11 22.11 -2.67
C LYS A 137 -18.74 23.48 -2.97
N ASP A 138 -18.83 24.33 -1.94
CA ASP A 138 -19.49 25.65 -2.05
C ASP A 138 -18.55 26.77 -2.55
N ALA A 139 -17.34 26.42 -2.97
CA ALA A 139 -16.30 27.43 -3.20
C ALA A 139 -16.25 28.07 -4.58
N GLU A 140 -15.97 29.37 -4.61
CA GLU A 140 -15.82 30.12 -5.84
C GLU A 140 -14.47 29.82 -6.52
N LYS A 141 -13.37 29.96 -5.77
CA LYS A 141 -12.05 29.64 -6.28
C LYS A 141 -11.33 28.72 -5.28
N PRO A 142 -11.71 27.43 -5.28
CA PRO A 142 -11.25 26.50 -4.24
C PRO A 142 -9.77 26.18 -4.42
N VAL A 143 -9.06 26.18 -3.29
CA VAL A 143 -7.67 25.78 -3.25
C VAL A 143 -7.51 24.82 -2.08
N LEU A 144 -6.98 23.63 -2.36
CA LEU A 144 -6.65 22.66 -1.32
C LEU A 144 -5.11 22.62 -1.18
N PHE A 145 -4.63 22.89 0.02
CA PHE A 145 -3.19 22.87 0.30
C PHE A 145 -2.86 21.53 0.94
N PHE A 146 -1.88 20.84 0.39
CA PHE A 146 -1.48 19.56 0.93
C PHE A 146 -0.20 19.84 1.74
N GLU A 147 -0.13 19.39 2.98
CA GLU A 147 1.13 19.41 3.72
C GLU A 147 1.93 18.24 3.21
N ARG A 148 2.93 18.53 2.36
CA ARG A 148 3.78 17.56 1.67
C ARG A 148 2.99 16.73 0.66
N SER A 149 3.69 15.94 -0.12
CA SER A 149 3.08 15.25 -1.26
C SER A 149 3.67 13.88 -1.37
N VAL A 150 3.03 13.03 -2.19
CA VAL A 150 3.57 11.72 -2.48
C VAL A 150 4.94 11.81 -3.16
N TYR A 151 5.21 12.95 -3.79
CA TYR A 151 6.53 13.14 -4.43
C TYR A 151 7.65 13.35 -3.42
N SER A 152 7.39 14.13 -2.38
CA SER A 152 8.42 14.29 -1.37
C SER A 152 8.58 13.02 -0.56
N ASP A 153 7.49 12.26 -0.38
CA ASP A 153 7.63 10.96 0.30
C ASP A 153 8.69 10.08 -0.40
N ARG A 154 8.61 10.02 -1.74
CA ARG A 154 9.45 9.14 -2.56
C ARG A 154 10.81 9.78 -2.84
N TYR A 155 10.78 11.03 -3.34
CA TYR A 155 12.01 11.62 -3.90
C TYR A 155 12.89 12.33 -2.86
N ILE A 156 12.32 12.64 -1.72
CA ILE A 156 13.10 13.16 -0.63
C ILE A 156 13.34 12.11 0.47
N PHE A 157 12.27 11.71 1.15
CA PHE A 157 12.41 10.92 2.34
C PHE A 157 12.86 9.51 2.07
N ALA A 158 12.08 8.79 1.24
CA ALA A 158 12.41 7.40 0.97
C ALA A 158 13.74 7.26 0.20
N SER A 159 13.96 8.17 -0.72
CA SER A 159 15.20 8.18 -1.50
C SER A 159 16.42 8.39 -0.61
N ASN A 160 16.33 9.36 0.30
CA ASN A 160 17.40 9.55 1.28
C ASN A 160 17.64 8.30 2.13
N LEU A 161 16.59 7.57 2.47
CA LEU A 161 16.75 6.36 3.28
C LEU A 161 17.47 5.25 2.52
N TYR A 162 17.15 5.13 1.25
CA TYR A 162 17.83 4.21 0.33
C TYR A 162 19.33 4.60 0.20
N GLU A 163 19.57 5.89 0.02
CA GLU A 163 20.94 6.39 -0.20
C GLU A 163 21.80 6.17 1.03
N SER A 164 21.17 6.18 2.20
CA SER A 164 21.86 5.95 3.48
C SER A 164 21.91 4.48 3.89
N GLU A 165 21.43 3.59 3.01
CA GLU A 165 21.41 2.14 3.24
C GLU A 165 20.48 1.73 4.39
N SER A 166 19.50 2.57 4.68
CA SER A 166 18.45 2.23 5.62
C SER A 166 17.34 1.41 4.92
N MET A 167 17.35 1.44 3.58
CA MET A 167 16.56 0.50 2.77
C MET A 167 17.52 -0.18 1.83
N ASN A 168 17.39 -1.49 1.70
CA ASN A 168 18.17 -2.22 0.71
C ASN A 168 17.60 -2.16 -0.71
N GLU A 169 18.26 -2.85 -1.65
CA GLU A 169 17.84 -2.73 -3.04
C GLU A 169 16.42 -3.26 -3.27
N THR A 170 16.12 -4.39 -2.63
CA THR A 170 14.79 -5.03 -2.73
C THR A 170 13.67 -4.12 -2.18
N GLU A 171 13.92 -3.57 -0.99
CA GLU A 171 12.95 -2.67 -0.36
C GLU A 171 12.74 -1.45 -1.25
N TRP A 172 13.81 -0.89 -1.81
CA TRP A 172 13.68 0.31 -2.63
C TRP A 172 12.95 0.01 -3.95
N THR A 173 13.23 -1.15 -4.53
CA THR A 173 12.56 -1.59 -5.75
C THR A 173 11.07 -1.78 -5.47
N ILE A 174 10.74 -2.50 -4.39
CA ILE A 174 9.32 -2.69 -4.01
C ILE A 174 8.59 -1.35 -3.80
N TYR A 175 9.24 -0.46 -3.08
CA TYR A 175 8.68 0.82 -2.79
C TYR A 175 8.35 1.59 -4.06
N GLN A 176 9.32 1.72 -4.96
CA GLN A 176 9.13 2.49 -6.18
C GLN A 176 8.05 1.82 -7.07
N ASP A 177 8.08 0.48 -7.12
CA ASP A 177 7.07 -0.30 -7.86
C ASP A 177 5.68 0.03 -7.35
N TRP A 178 5.50 0.04 -6.04
CA TRP A 178 4.19 0.29 -5.42
C TRP A 178 3.79 1.74 -5.70
N HIS A 179 4.75 2.64 -5.47
CA HIS A 179 4.51 4.08 -5.67
C HIS A 179 4.09 4.43 -7.12
N ASP A 180 4.82 3.89 -8.10
CA ASP A 180 4.46 4.00 -9.49
C ASP A 180 3.04 3.53 -9.73
N TRP A 181 2.69 2.34 -9.21
CA TRP A 181 1.35 1.80 -9.44
C TRP A 181 0.28 2.68 -8.82
N MET A 182 0.46 3.07 -7.56
CA MET A 182 -0.49 3.96 -6.86
C MET A 182 -0.74 5.24 -7.61
N ASN A 183 0.31 5.82 -8.18
CA ASN A 183 0.16 7.01 -9.02
C ASN A 183 -0.48 6.81 -10.39
N ASN A 184 -0.26 5.67 -11.04
CA ASN A 184 -0.98 5.34 -12.27
C ASN A 184 -2.49 5.32 -11.99
N GLN A 185 -2.86 4.82 -10.82
CA GLN A 185 -4.27 4.74 -10.39
C GLN A 185 -4.82 6.10 -9.91
N PHE A 186 -4.04 6.82 -9.12
CA PHE A 186 -4.54 7.98 -8.35
C PHE A 186 -3.85 9.30 -8.62
N GLY A 187 -2.73 9.25 -9.34
CA GLY A 187 -1.91 10.43 -9.54
C GLY A 187 -2.66 11.56 -10.22
N GLN A 188 -3.58 11.22 -11.14
CA GLN A 188 -4.30 12.24 -11.88
C GLN A 188 -5.17 13.11 -10.95
N SER A 189 -5.90 12.47 -10.06
CA SER A 189 -6.75 13.20 -9.12
C SER A 189 -5.90 14.09 -8.20
N LEU A 190 -4.68 13.64 -7.90
CA LEU A 190 -3.79 14.33 -6.99
C LEU A 190 -2.71 15.22 -7.65
N GLU A 191 -2.74 15.38 -8.98
CA GLU A 191 -1.73 16.17 -9.68
C GLU A 191 -1.74 17.59 -9.16
N LEU A 192 -0.55 18.13 -8.92
CA LEU A 192 -0.42 19.46 -8.34
C LEU A 192 -0.44 20.55 -9.38
N ASP A 193 -1.07 21.66 -9.00
CA ASP A 193 -1.09 22.89 -9.79
C ASP A 193 0.04 23.82 -9.43
N GLY A 194 0.65 23.57 -8.26
CA GLY A 194 1.78 24.39 -7.82
C GLY A 194 2.35 23.85 -6.53
N ILE A 195 3.54 24.33 -6.20
CA ILE A 195 4.26 23.91 -5.00
C ILE A 195 4.80 25.15 -4.31
N ILE A 196 4.61 25.21 -3.00
CA ILE A 196 5.19 26.28 -2.21
C ILE A 196 6.27 25.64 -1.35
N TYR A 197 7.49 26.05 -1.62
CA TYR A 197 8.65 25.50 -0.89
C TYR A 197 9.04 26.41 0.28
N LEU A 198 8.84 25.93 1.51
CA LEU A 198 9.27 26.68 2.69
C LEU A 198 10.70 26.33 3.01
N GLN A 199 11.56 27.30 2.73
CA GLN A 199 12.99 27.12 2.83
C GLN A 199 13.54 27.63 4.16
N ALA A 200 14.10 26.70 4.93
CA ALA A 200 14.73 27.01 6.22
C ALA A 200 16.05 26.25 6.27
N THR A 201 17.02 26.83 6.94
CA THR A 201 18.34 26.19 7.09
C THR A 201 18.20 24.94 7.96
N PRO A 202 19.07 23.94 7.76
CA PRO A 202 19.08 22.79 8.65
C PRO A 202 19.18 23.23 10.10
N GLU A 203 19.93 24.30 10.38
CA GLU A 203 20.08 24.72 11.78
C GLU A 203 18.74 25.29 12.32
N THR A 204 18.03 26.01 11.47
CA THR A 204 16.70 26.51 11.87
C THR A 204 15.77 25.35 12.16
N CYS A 205 15.76 24.34 11.29
CA CYS A 205 14.93 23.18 11.49
C CYS A 205 15.30 22.41 12.76
N LEU A 206 16.58 22.23 13.02
CA LEU A 206 17.00 21.56 14.24
C LEU A 206 16.46 22.29 15.47
N HIS A 207 16.56 23.61 15.45
CA HIS A 207 16.02 24.42 16.55
C HIS A 207 14.52 24.25 16.73
N ARG A 208 13.80 24.26 15.61
CA ARG A 208 12.35 24.16 15.63
C ARG A 208 11.90 22.76 16.02
N ILE A 209 12.70 21.72 15.71
CA ILE A 209 12.39 20.38 16.24
C ILE A 209 12.41 20.38 17.75
N TYR A 210 13.42 21.02 18.33
CA TYR A 210 13.47 21.17 19.79
C TYR A 210 12.28 21.96 20.33
N LEU A 211 11.94 23.07 19.69
CA LEU A 211 10.80 23.90 20.10
C LEU A 211 9.51 23.08 20.15
N ARG A 212 9.29 22.33 19.08
CA ARG A 212 8.06 21.57 18.97
C ARG A 212 8.00 20.44 20.00
N GLY A 213 9.14 19.82 20.26
CA GLY A 213 9.22 18.80 21.29
C GLY A 213 8.63 17.42 20.99
N ARG A 214 8.52 17.02 19.73
CA ARG A 214 8.06 15.66 19.44
C ARG A 214 9.12 14.67 19.91
N ASN A 215 8.76 13.77 20.83
CA ASN A 215 9.78 12.97 21.50
C ASN A 215 10.67 12.16 20.55
N GLU A 216 10.07 11.58 19.53
CA GLU A 216 10.82 10.69 18.66
C GLU A 216 11.72 11.40 17.67
N GLU A 217 11.60 12.72 17.60
CA GLU A 217 12.47 13.53 16.71
C GLU A 217 13.66 14.10 17.47
N GLN A 218 13.67 13.93 18.78
CA GLN A 218 14.66 14.66 19.61
C GLN A 218 16.11 14.19 19.41
N GLY A 219 16.31 13.00 18.85
CA GLY A 219 17.66 12.50 18.57
C GLY A 219 18.18 12.72 17.15
N ILE A 220 17.43 13.48 16.34
CA ILE A 220 17.82 13.71 14.96
C ILE A 220 19.06 14.63 14.90
N PRO A 221 20.14 14.18 14.22
CA PRO A 221 21.35 14.97 14.11
C PRO A 221 21.27 15.94 12.95
N LEU A 222 22.03 17.02 13.05
CA LEU A 222 22.08 18.02 12.02
C LEU A 222 22.36 17.44 10.64
N GLU A 223 23.26 16.45 10.57
CA GLU A 223 23.66 15.83 9.31
C GLU A 223 22.46 15.19 8.58
N TYR A 224 21.49 14.69 9.33
CA TYR A 224 20.28 14.07 8.74
C TYR A 224 19.43 15.16 8.11
N LEU A 225 19.27 16.27 8.84
CA LEU A 225 18.56 17.43 8.34
C LEU A 225 19.27 18.03 7.12
N GLU A 226 20.59 18.09 7.17
CA GLU A 226 21.29 18.60 6.00
C GLU A 226 21.03 17.74 4.73
N LYS A 227 21.07 16.41 4.87
CA LYS A 227 20.74 15.56 3.70
C LYS A 227 19.37 15.85 3.10
N LEU A 228 18.37 15.99 3.96
CA LEU A 228 17.01 16.31 3.50
C LEU A 228 16.94 17.69 2.88
N HIS A 229 17.69 18.62 3.43
CA HIS A 229 17.80 19.99 2.89
C HIS A 229 18.33 19.93 1.46
N TYR A 230 19.44 19.23 1.24
CA TYR A 230 19.99 19.16 -0.09
C TYR A 230 19.02 18.53 -1.09
N LYS A 231 18.26 17.52 -0.69
CA LYS A 231 17.27 16.92 -1.59
C LYS A 231 16.20 17.96 -1.95
N HIS A 232 15.73 18.70 -0.95
CA HIS A 232 14.74 19.71 -1.26
C HIS A 232 15.29 20.73 -2.22
N GLU A 233 16.53 21.14 -2.01
CA GLU A 233 17.14 22.18 -2.84
C GLU A 233 17.26 21.66 -4.29
N SER A 234 17.65 20.42 -4.45
CA SER A 234 17.86 19.83 -5.79
C SER A 234 16.53 19.72 -6.50
N TRP A 235 15.50 19.32 -5.76
CA TRP A 235 14.17 19.17 -6.34
C TRP A 235 13.50 20.51 -6.67
N LEU A 236 13.48 21.43 -5.71
CA LEU A 236 12.61 22.59 -5.79
C LEU A 236 13.28 23.91 -6.08
N LEU A 237 14.58 24.01 -5.83
CA LEU A 237 15.29 25.28 -6.06
C LEU A 237 16.14 25.19 -7.32
N HIS A 238 17.05 24.22 -7.37
CA HIS A 238 17.91 24.03 -8.57
C HIS A 238 17.18 23.28 -9.67
N ARG A 239 16.16 22.51 -9.26
CA ARG A 239 15.30 21.74 -10.17
C ARG A 239 16.08 20.77 -11.08
N THR A 240 17.05 20.09 -10.49
CA THR A 240 17.88 19.14 -11.19
C THR A 240 17.44 17.69 -10.92
N LEU A 241 16.67 17.49 -9.86
CA LEU A 241 16.25 16.16 -9.45
C LEU A 241 15.23 15.62 -10.46
N LYS A 242 15.54 14.45 -11.05
CA LYS A 242 14.69 13.81 -12.04
C LYS A 242 13.66 12.90 -11.38
N THR A 243 12.39 13.06 -11.73
CA THR A 243 11.34 12.18 -11.20
C THR A 243 10.71 11.42 -12.35
N ASN A 244 9.93 10.40 -11.99
CA ASN A 244 9.16 9.63 -12.94
C ASN A 244 7.88 10.32 -13.40
N PHE A 245 7.69 11.57 -12.98
CA PHE A 245 6.43 12.27 -13.22
C PHE A 245 6.67 13.55 -14.01
N ASP A 246 6.62 13.37 -15.34
CA ASP A 246 6.84 14.39 -16.37
C ASP A 246 6.44 15.82 -16.01
N TYR A 247 5.18 15.98 -15.60
CA TYR A 247 4.57 17.30 -15.43
C TYR A 247 5.30 18.13 -14.37
N LEU A 248 5.99 17.44 -13.46
CA LEU A 248 6.63 18.10 -12.34
C LEU A 248 7.74 19.02 -12.76
N GLN A 249 8.45 18.69 -13.84
CA GLN A 249 9.49 19.59 -14.35
C GLN A 249 8.93 20.97 -14.71
N GLU A 250 7.60 21.05 -14.92
CA GLU A 250 6.93 22.30 -15.33
C GLU A 250 6.16 23.01 -14.22
N VAL A 251 5.66 22.25 -13.25
CA VAL A 251 4.80 22.78 -12.20
C VAL A 251 5.46 24.02 -11.58
N PRO A 252 4.71 25.13 -11.49
CA PRO A 252 5.18 26.39 -10.90
C PRO A 252 5.59 26.17 -9.44
N ILE A 253 6.70 26.77 -9.01
CA ILE A 253 7.13 26.64 -7.62
C ILE A 253 7.38 28.03 -7.02
N LEU A 254 6.86 28.27 -5.82
CA LEU A 254 7.14 29.49 -5.07
C LEU A 254 8.06 29.16 -3.91
N THR A 255 9.25 29.78 -3.87
CA THR A 255 10.19 29.54 -2.75
C THR A 255 10.13 30.67 -1.75
N LEU A 256 9.87 30.33 -0.49
CA LEU A 256 9.76 31.33 0.60
C LEU A 256 10.77 31.04 1.71
N ASP A 257 11.51 32.06 2.11
CA ASP A 257 12.48 31.90 3.15
C ASP A 257 11.75 32.06 4.49
N VAL A 258 11.76 31.00 5.29
CA VAL A 258 11.01 30.99 6.57
C VAL A 258 11.95 30.96 7.79
N ASN A 259 13.19 31.38 7.58
CA ASN A 259 14.16 31.42 8.70
C ASN A 259 13.84 32.44 9.82
N GLU A 260 13.20 33.55 9.48
CA GLU A 260 12.91 34.58 10.46
C GLU A 260 11.80 34.17 11.37
N ASP A 261 11.71 34.87 12.50
CA ASP A 261 10.62 34.67 13.42
C ASP A 261 9.32 34.98 12.67
N PHE A 262 8.25 34.29 13.04
CA PHE A 262 7.03 34.27 12.25
C PHE A 262 6.52 35.68 11.92
N LYS A 263 6.42 36.54 12.92
CA LYS A 263 5.87 37.89 12.68
C LYS A 263 6.70 38.72 11.65
N ASP A 264 7.98 38.38 11.53
CA ASP A 264 8.90 39.27 10.82
C ASP A 264 8.70 39.29 9.30
N LYS A 265 8.16 38.21 8.73
CA LYS A 265 8.04 38.10 7.26
C LYS A 265 6.66 37.69 6.78
N TYR A 266 5.73 37.42 7.70
CA TYR A 266 4.44 36.86 7.36
C TYR A 266 3.73 37.70 6.28
N GLU A 267 3.77 39.03 6.45
CA GLU A 267 3.10 39.95 5.52
C GLU A 267 3.64 39.73 4.12
N SER A 268 4.96 39.65 4.02
CA SER A 268 5.62 39.53 2.72
C SER A 268 5.33 38.16 2.12
N LEU A 269 5.22 37.14 2.97
CA LEU A 269 4.91 35.77 2.53
C LEU A 269 3.48 35.65 2.02
N VAL A 270 2.55 36.28 2.73
CA VAL A 270 1.17 36.22 2.32
C VAL A 270 1.03 36.87 0.94
N GLU A 271 1.66 38.03 0.78
CA GLU A 271 1.59 38.79 -0.49
C GLU A 271 2.17 37.95 -1.64
N LYS A 272 3.31 37.30 -1.38
CA LYS A 272 3.95 36.42 -2.37
C LYS A 272 3.07 35.23 -2.72
N VAL A 273 2.33 34.70 -1.74
CA VAL A 273 1.44 33.57 -1.99
C VAL A 273 0.24 33.98 -2.84
N LYS A 274 -0.40 35.10 -2.49
CA LYS A 274 -1.59 35.51 -3.23
C LYS A 274 -1.25 35.84 -4.69
N GLU A 275 -0.09 36.48 -4.89
CA GLU A 275 0.39 36.82 -6.24
C GLU A 275 0.65 35.54 -7.02
N PHE A 276 1.25 34.55 -6.36
CA PHE A 276 1.55 33.22 -6.93
C PHE A 276 0.29 32.46 -7.37
N LEU A 277 -0.72 32.46 -6.50
CA LEU A 277 -1.99 31.79 -6.77
C LEU A 277 -2.73 32.39 -7.97
N SER A 278 -2.56 33.67 -8.18
CA SER A 278 -3.20 34.38 -9.29
C SER A 278 -2.55 34.07 -10.63
N THR A 279 -1.37 33.42 -10.61
CA THR A 279 -0.63 33.05 -11.82
C THR A 279 -0.96 31.64 -12.30
N LEU A 280 -1.55 30.84 -11.43
CA LEU A 280 -2.03 29.51 -11.78
C LEU A 280 -3.45 29.60 -12.38
N ARG B 40 -19.22 -7.11 -15.71
CA ARG B 40 -20.00 -8.31 -16.19
C ARG B 40 -19.15 -9.58 -16.24
N ILE B 41 -17.84 -9.44 -16.12
CA ILE B 41 -16.97 -10.62 -16.06
C ILE B 41 -17.24 -11.33 -14.73
N LYS B 42 -17.50 -12.64 -14.76
CA LYS B 42 -17.60 -13.42 -13.52
C LYS B 42 -16.20 -13.63 -12.97
N LYS B 43 -16.03 -13.43 -11.68
CA LYS B 43 -14.68 -13.58 -11.10
C LYS B 43 -14.76 -14.78 -10.16
N ILE B 44 -13.88 -15.76 -10.35
CA ILE B 44 -13.88 -16.98 -9.53
C ILE B 44 -12.49 -17.15 -8.91
N SER B 45 -12.37 -17.25 -7.59
CA SER B 45 -11.01 -17.50 -7.04
C SER B 45 -10.78 -18.97 -6.80
N ILE B 46 -9.58 -19.43 -7.16
CA ILE B 46 -9.15 -20.80 -6.89
C ILE B 46 -8.26 -20.74 -5.65
N GLU B 47 -8.68 -21.45 -4.60
CA GLU B 47 -7.98 -21.37 -3.30
C GLU B 47 -7.49 -22.74 -2.89
N GLY B 48 -6.44 -22.76 -2.07
CA GLY B 48 -5.97 -23.98 -1.49
C GLY B 48 -4.54 -23.80 -1.03
N ASN B 49 -4.05 -24.82 -0.35
CA ASN B 49 -2.75 -24.75 0.27
C ASN B 49 -1.63 -24.78 -0.76
N ILE B 50 -0.41 -24.51 -0.28
CA ILE B 50 0.79 -24.50 -1.10
C ILE B 50 0.93 -25.84 -1.82
N ALA B 51 1.02 -25.78 -3.15
CA ALA B 51 1.19 -26.96 -4.01
C ALA B 51 0.05 -27.94 -4.05
N ALA B 52 -1.13 -27.50 -3.63
CA ALA B 52 -2.33 -28.28 -3.80
C ALA B 52 -2.59 -28.60 -5.28
N GLY B 53 -2.24 -27.69 -6.18
CA GLY B 53 -2.44 -27.93 -7.61
C GLY B 53 -3.27 -26.89 -8.32
N LYS B 54 -3.26 -25.65 -7.80
CA LYS B 54 -4.12 -24.58 -8.30
C LYS B 54 -3.67 -24.13 -9.66
N SER B 55 -2.37 -23.86 -9.84
CA SER B 55 -1.87 -23.42 -11.14
C SER B 55 -2.15 -24.48 -12.22
N THR B 56 -1.93 -25.74 -11.84
CA THR B 56 -2.15 -26.87 -12.74
C THR B 56 -3.63 -26.87 -13.13
N PHE B 57 -4.52 -26.82 -12.14
CA PHE B 57 -5.95 -26.89 -12.41
C PHE B 57 -6.47 -25.75 -13.27
N VAL B 58 -6.09 -24.53 -12.95
CA VAL B 58 -6.58 -23.35 -13.64
C VAL B 58 -6.07 -23.33 -15.11
N ASN B 59 -4.86 -23.82 -15.33
CA ASN B 59 -4.26 -23.84 -16.66
C ASN B 59 -5.01 -24.83 -17.56
N ILE B 60 -5.52 -25.90 -16.95
CA ILE B 60 -6.39 -26.87 -17.63
C ILE B 60 -7.73 -26.25 -17.95
N LEU B 61 -8.35 -25.64 -16.94
CA LEU B 61 -9.65 -24.99 -17.10
C LEU B 61 -9.66 -23.94 -18.19
N LYS B 62 -8.60 -23.17 -18.26
CA LYS B 62 -8.49 -22.07 -19.22
C LYS B 62 -8.81 -22.57 -20.65
N GLN B 63 -8.45 -23.81 -20.95
CA GLN B 63 -8.52 -24.30 -22.35
C GLN B 63 -9.94 -24.69 -22.78
N LEU B 64 -10.86 -24.78 -21.81
CA LEU B 64 -12.26 -25.18 -22.09
C LEU B 64 -13.09 -24.13 -22.79
N SER B 65 -12.64 -22.88 -22.80
CA SER B 65 -13.40 -21.82 -23.42
C SER B 65 -12.51 -20.67 -23.77
N GLU B 66 -12.69 -20.13 -24.98
CA GLU B 66 -12.06 -18.87 -25.30
C GLU B 66 -12.60 -17.73 -24.39
N ASP B 67 -13.72 -17.98 -23.70
CA ASP B 67 -14.34 -16.97 -22.82
C ASP B 67 -13.73 -16.96 -21.41
N TRP B 68 -12.77 -17.85 -21.18
CA TRP B 68 -12.24 -18.10 -19.82
C TRP B 68 -10.77 -17.74 -19.80
N GLU B 69 -10.38 -16.84 -18.89
CA GLU B 69 -8.99 -16.41 -18.77
C GLU B 69 -8.58 -16.58 -17.32
N VAL B 70 -7.27 -16.44 -17.07
CA VAL B 70 -6.73 -16.73 -15.72
C VAL B 70 -5.79 -15.60 -15.31
N VAL B 71 -5.76 -15.31 -14.00
CA VAL B 71 -4.79 -14.34 -13.49
C VAL B 71 -3.91 -15.16 -12.53
N PRO B 72 -2.72 -15.57 -13.01
CA PRO B 72 -1.82 -16.36 -12.14
C PRO B 72 -1.33 -15.54 -10.94
N GLU B 73 -1.01 -16.22 -9.85
CA GLU B 73 -0.35 -15.52 -8.76
C GLU B 73 1.00 -15.06 -9.31
N PRO B 74 1.37 -13.78 -9.06
CA PRO B 74 2.57 -13.16 -9.63
C PRO B 74 3.89 -13.66 -9.00
N VAL B 75 4.04 -14.97 -8.84
CA VAL B 75 5.19 -15.56 -8.14
C VAL B 75 6.53 -15.18 -8.78
N ALA B 76 6.59 -15.05 -10.11
CA ALA B 76 7.82 -14.63 -10.80
C ALA B 76 8.28 -13.25 -10.36
N ARG B 77 7.32 -12.34 -10.14
CA ARG B 77 7.60 -10.98 -9.68
C ARG B 77 8.14 -11.00 -8.25
N TRP B 78 7.76 -12.01 -7.49
CA TRP B 78 8.27 -12.17 -6.13
C TRP B 78 9.64 -12.79 -6.09
N SER B 79 9.92 -13.67 -7.06
CA SER B 79 11.21 -14.40 -7.10
C SER B 79 12.32 -13.55 -7.69
N ASN B 80 11.95 -12.52 -8.43
CA ASN B 80 12.91 -11.62 -9.08
C ASN B 80 12.32 -10.23 -9.02
N VAL B 81 12.63 -9.50 -7.98
CA VAL B 81 11.96 -8.23 -7.72
C VAL B 81 12.49 -7.15 -8.66
N GLN B 82 11.56 -6.50 -9.34
CA GLN B 82 11.89 -5.57 -10.40
C GLN B 82 10.82 -4.50 -10.44
N SER B 83 11.23 -3.29 -10.80
CA SER B 83 10.29 -2.16 -10.77
C SER B 83 9.88 -1.85 -12.18
N THR B 84 8.70 -2.38 -12.55
CA THR B 84 8.14 -2.22 -13.88
C THR B 84 6.60 -2.18 -13.88
N ASN B 97 19.13 -9.21 -12.41
CA ASN B 97 18.02 -9.80 -11.67
C ASN B 97 17.96 -9.34 -10.22
N GLY B 98 16.75 -9.00 -9.79
CA GLY B 98 16.54 -8.51 -8.44
C GLY B 98 16.54 -9.57 -7.37
N GLY B 99 16.24 -9.11 -6.16
CA GLY B 99 16.18 -9.96 -5.00
C GLY B 99 15.01 -10.91 -5.09
N ASN B 100 15.06 -11.95 -4.26
CA ASN B 100 13.97 -12.93 -4.18
C ASN B 100 13.29 -12.76 -2.83
N VAL B 101 12.21 -11.99 -2.84
CA VAL B 101 11.53 -11.61 -1.58
C VAL B 101 10.76 -12.81 -1.01
N LEU B 102 10.35 -13.74 -1.87
CA LEU B 102 9.76 -14.97 -1.37
C LEU B 102 10.77 -15.76 -0.56
N GLN B 103 11.99 -15.85 -1.08
CA GLN B 103 13.09 -16.47 -0.37
C GLN B 103 13.41 -15.76 0.94
N MET B 104 13.47 -14.44 0.89
CA MET B 104 13.77 -13.63 2.08
C MET B 104 12.78 -13.91 3.18
N MET B 105 11.49 -13.96 2.82
CA MET B 105 10.46 -14.24 3.79
C MET B 105 10.65 -15.65 4.40
N TYR B 106 10.96 -16.66 3.59
CA TYR B 106 11.13 -18.02 4.13
C TYR B 106 12.36 -18.15 5.00
N GLU B 107 13.43 -17.47 4.62
CA GLU B 107 14.68 -17.57 5.38
C GLU B 107 14.63 -16.76 6.68
N LYS B 108 13.99 -15.58 6.64
CA LYS B 108 13.97 -14.69 7.80
C LYS B 108 12.57 -14.10 7.99
N PRO B 109 11.60 -14.94 8.42
CA PRO B 109 10.20 -14.45 8.40
C PRO B 109 9.92 -13.29 9.38
N GLU B 110 10.62 -13.23 10.52
CA GLU B 110 10.37 -12.10 11.44
C GLU B 110 10.87 -10.79 10.85
N ARG B 111 11.82 -10.86 9.93
CA ARG B 111 12.33 -9.66 9.26
C ARG B 111 11.50 -9.26 8.05
N TRP B 112 11.03 -10.25 7.27
CA TRP B 112 10.61 -9.98 5.89
C TRP B 112 9.15 -10.31 5.61
N SER B 113 8.44 -10.89 6.59
CA SER B 113 7.02 -11.31 6.37
C SER B 113 6.14 -10.13 5.98
N PHE B 114 6.22 -9.03 6.73
CA PHE B 114 5.40 -7.84 6.37
C PHE B 114 5.69 -7.35 4.96
N THR B 115 6.96 -7.17 4.62
CA THR B 115 7.38 -6.69 3.31
C THR B 115 6.88 -7.61 2.18
N PHE B 116 7.06 -8.92 2.38
CA PHE B 116 6.59 -9.89 1.41
C PHE B 116 5.06 -9.81 1.26
N GLN B 117 4.36 -9.82 2.39
CA GLN B 117 2.88 -9.91 2.34
C GLN B 117 2.26 -8.68 1.69
N THR B 118 2.88 -7.52 1.94
CA THR B 118 2.40 -6.29 1.36
C THR B 118 2.64 -6.32 -0.13
N TYR B 119 3.84 -6.72 -0.52
CA TYR B 119 4.11 -6.78 -1.93
C TYR B 119 3.27 -7.83 -2.66
N ALA B 120 3.03 -8.98 -2.00
CA ALA B 120 2.27 -10.07 -2.63
C ALA B 120 0.89 -9.53 -2.97
N CYS B 121 0.32 -8.83 -2.01
CA CYS B 121 -1.06 -8.39 -2.19
C CYS B 121 -1.16 -7.24 -3.21
N LEU B 122 -0.25 -6.27 -3.11
CA LEU B 122 -0.12 -5.21 -4.12
C LEU B 122 0.00 -5.79 -5.52
N SER B 123 0.92 -6.72 -5.72
CA SER B 123 1.14 -7.31 -7.02
C SER B 123 -0.07 -8.09 -7.56
N ARG B 124 -0.80 -8.73 -6.63
CA ARG B 124 -2.00 -9.48 -7.00
C ARG B 124 -3.10 -8.50 -7.45
N ILE B 125 -3.33 -7.47 -6.66
CA ILE B 125 -4.31 -6.41 -7.02
C ILE B 125 -4.00 -5.83 -8.39
N ARG B 126 -2.74 -5.51 -8.63
CA ARG B 126 -2.38 -4.93 -9.92
C ARG B 126 -2.68 -5.91 -11.07
N ALA B 127 -2.31 -7.17 -10.88
CA ALA B 127 -2.51 -8.18 -11.92
C ALA B 127 -3.99 -8.42 -12.20
N GLN B 128 -4.80 -8.52 -11.14
CA GLN B 128 -6.23 -8.81 -11.25
C GLN B 128 -6.96 -7.64 -11.90
N LEU B 129 -6.61 -6.41 -11.52
CA LEU B 129 -7.20 -5.21 -12.14
C LEU B 129 -6.82 -5.10 -13.62
N ALA B 130 -5.57 -5.41 -13.96
CA ALA B 130 -5.10 -5.33 -15.35
C ALA B 130 -5.87 -6.29 -16.26
N SER B 131 -6.15 -7.49 -15.74
CA SER B 131 -6.85 -8.54 -16.49
C SER B 131 -8.30 -8.16 -16.74
N LEU B 132 -8.93 -7.52 -15.77
CA LEU B 132 -10.31 -7.06 -15.94
C LEU B 132 -10.44 -5.99 -17.02
N ASN B 133 -9.44 -5.11 -17.06
CA ASN B 133 -9.43 -3.96 -17.92
C ASN B 133 -9.14 -4.31 -19.36
N GLY B 134 -8.58 -5.48 -19.61
CA GLY B 134 -7.99 -5.77 -20.90
C GLY B 134 -8.29 -7.12 -21.50
N LYS B 135 -8.82 -8.03 -20.69
CA LYS B 135 -9.11 -9.37 -21.19
C LYS B 135 -10.57 -9.53 -21.51
N LEU B 136 -10.88 -10.48 -22.39
CA LEU B 136 -12.25 -10.98 -22.59
C LEU B 136 -13.13 -9.95 -23.29
N ASP B 138 -16.12 -8.24 -24.95
CA ASP B 138 -15.54 -9.03 -26.05
C ASP B 138 -15.83 -10.55 -26.00
N ALA B 139 -16.18 -11.08 -24.83
CA ALA B 139 -16.54 -12.50 -24.70
C ALA B 139 -18.04 -12.66 -24.48
N GLU B 140 -18.61 -13.75 -24.99
CA GLU B 140 -20.02 -14.09 -24.77
C GLU B 140 -20.32 -14.16 -23.26
N LYS B 141 -19.69 -15.12 -22.59
CA LYS B 141 -19.87 -15.26 -21.15
C LYS B 141 -18.51 -15.24 -20.44
N PRO B 142 -17.92 -14.03 -20.25
CA PRO B 142 -16.53 -14.02 -19.74
C PRO B 142 -16.42 -14.52 -18.28
N VAL B 143 -15.37 -15.31 -18.02
CA VAL B 143 -15.02 -15.76 -16.67
C VAL B 143 -13.53 -15.53 -16.49
N LEU B 144 -13.18 -14.94 -15.34
CA LEU B 144 -11.78 -14.75 -14.97
C LEU B 144 -11.53 -15.60 -13.74
N PHE B 145 -10.56 -16.50 -13.83
CA PHE B 145 -10.19 -17.29 -12.66
C PHE B 145 -8.93 -16.67 -12.03
N PHE B 146 -9.04 -16.31 -10.74
CA PHE B 146 -7.91 -15.78 -9.97
C PHE B 146 -7.21 -16.96 -9.25
N GLU B 147 -5.89 -17.05 -9.36
CA GLU B 147 -5.16 -17.98 -8.49
C GLU B 147 -4.99 -17.27 -7.16
N ARG B 148 -5.80 -17.66 -6.17
CA ARG B 148 -5.95 -17.02 -4.84
C ARG B 148 -6.53 -15.60 -4.93
N SER B 149 -6.76 -15.00 -3.79
CA SER B 149 -7.48 -13.72 -3.71
C SER B 149 -6.84 -12.85 -2.66
N VAL B 150 -7.21 -11.56 -2.64
CA VAL B 150 -6.79 -10.64 -1.57
C VAL B 150 -7.25 -11.15 -0.19
N TYR B 151 -8.26 -12.02 -0.17
CA TYR B 151 -8.83 -12.48 1.10
C TYR B 151 -8.00 -13.57 1.68
N SER B 152 -7.54 -14.50 0.85
CA SER B 152 -6.58 -15.51 1.38
C SER B 152 -5.24 -14.85 1.75
N ASP B 153 -4.85 -13.82 1.02
CA ASP B 153 -3.61 -13.09 1.35
C ASP B 153 -3.66 -12.61 2.81
N ARG B 154 -4.78 -12.03 3.18
CA ARG B 154 -4.90 -11.39 4.51
C ARG B 154 -5.30 -12.40 5.58
N TYR B 155 -6.36 -13.17 5.33
CA TYR B 155 -6.99 -13.93 6.39
C TYR B 155 -6.38 -15.32 6.59
N ILE B 156 -5.59 -15.74 5.60
CA ILE B 156 -4.86 -16.99 5.71
C ILE B 156 -3.39 -16.75 5.93
N PHE B 157 -2.69 -16.24 4.91
CA PHE B 157 -1.24 -16.11 4.98
C PHE B 157 -0.73 -15.05 5.93
N ALA B 158 -1.19 -13.80 5.79
CA ALA B 158 -0.68 -12.74 6.66
C ALA B 158 -1.14 -13.01 8.08
N SER B 159 -2.38 -13.42 8.23
CA SER B 159 -2.91 -13.78 9.55
C SER B 159 -2.08 -14.87 10.25
N ASN B 160 -1.75 -15.93 9.54
CA ASN B 160 -0.92 -17.00 10.12
C ASN B 160 0.46 -16.49 10.57
N LEU B 161 1.01 -15.55 9.82
CA LEU B 161 2.32 -14.95 10.13
C LEU B 161 2.25 -14.10 11.43
N TYR B 162 1.16 -13.38 11.59
CA TYR B 162 0.92 -12.62 12.79
C TYR B 162 0.74 -13.57 13.98
N GLU B 163 -0.04 -14.63 13.77
CA GLU B 163 -0.29 -15.65 14.80
C GLU B 163 0.98 -16.35 15.25
N SER B 164 1.93 -16.55 14.35
CA SER B 164 3.20 -17.20 14.65
C SER B 164 4.27 -16.23 15.14
N GLU B 165 3.88 -14.97 15.26
CA GLU B 165 4.76 -13.88 15.68
C GLU B 165 5.83 -13.55 14.65
N SER B 166 5.54 -13.82 13.38
CA SER B 166 6.46 -13.37 12.32
C SER B 166 6.18 -11.93 11.89
N MET B 167 5.01 -11.43 12.22
CA MET B 167 4.70 -10.01 12.18
C MET B 167 4.31 -9.62 13.58
N ASN B 168 4.71 -8.42 14.00
CA ASN B 168 4.33 -7.90 15.31
C ASN B 168 3.03 -7.13 15.24
N GLU B 169 2.56 -6.57 16.35
CA GLU B 169 1.24 -5.97 16.36
C GLU B 169 1.17 -4.76 15.45
N THR B 170 2.22 -3.94 15.47
CA THR B 170 2.32 -2.75 14.58
C THR B 170 2.29 -3.12 13.11
N GLU B 171 3.08 -4.14 12.75
CA GLU B 171 3.10 -4.61 11.36
C GLU B 171 1.72 -5.11 10.93
N TRP B 172 1.09 -5.93 11.79
CA TRP B 172 -0.25 -6.48 11.47
C TRP B 172 -1.28 -5.37 11.36
N THR B 173 -1.20 -4.38 12.25
CA THR B 173 -2.17 -3.27 12.19
C THR B 173 -1.98 -2.45 10.90
N ILE B 174 -0.73 -2.15 10.55
CA ILE B 174 -0.44 -1.45 9.29
C ILE B 174 -0.96 -2.25 8.11
N TYR B 175 -0.62 -3.54 8.07
CA TYR B 175 -1.07 -4.41 6.99
C TYR B 175 -2.61 -4.32 6.84
N GLN B 176 -3.35 -4.51 7.94
CA GLN B 176 -4.81 -4.56 7.87
C GLN B 176 -5.34 -3.20 7.40
N ASP B 177 -4.69 -2.10 7.83
CA ASP B 177 -5.14 -0.76 7.48
C ASP B 177 -4.94 -0.51 5.99
N TRP B 178 -3.76 -0.86 5.49
CA TRP B 178 -3.44 -0.79 4.04
C TRP B 178 -4.45 -1.63 3.23
N HIS B 179 -4.66 -2.88 3.67
CA HIS B 179 -5.58 -3.79 3.02
C HIS B 179 -7.02 -3.25 3.00
N ASP B 180 -7.51 -2.75 4.13
CA ASP B 180 -8.87 -2.16 4.24
C ASP B 180 -9.01 -1.05 3.20
N TRP B 181 -8.03 -0.14 3.17
CA TRP B 181 -8.08 0.97 2.21
C TRP B 181 -8.01 0.53 0.76
N MET B 182 -7.04 -0.32 0.43
CA MET B 182 -6.87 -0.87 -0.92
C MET B 182 -8.19 -1.49 -1.41
N ASN B 183 -8.88 -2.23 -0.54
CA ASN B 183 -10.18 -2.79 -0.90
C ASN B 183 -11.38 -1.85 -0.93
N ASN B 184 -11.43 -0.84 -0.08
CA ASN B 184 -12.46 0.16 -0.19
C ASN B 184 -12.37 0.83 -1.57
N GLN B 185 -11.16 0.96 -2.09
CA GLN B 185 -10.93 1.59 -3.40
C GLN B 185 -11.20 0.64 -4.54
N PHE B 186 -10.73 -0.59 -4.42
CA PHE B 186 -10.80 -1.60 -5.50
C PHE B 186 -11.68 -2.83 -5.22
N GLY B 187 -12.16 -2.95 -4.00
CA GLY B 187 -13.02 -4.08 -3.59
C GLY B 187 -14.09 -4.43 -4.62
N GLN B 188 -14.99 -3.48 -4.88
CA GLN B 188 -16.12 -3.66 -5.82
C GLN B 188 -15.77 -4.33 -7.16
N SER B 189 -14.72 -3.82 -7.81
CA SER B 189 -14.33 -4.28 -9.14
C SER B 189 -13.77 -5.71 -9.10
N LEU B 190 -13.22 -6.09 -7.94
CA LEU B 190 -12.58 -7.39 -7.75
C LEU B 190 -13.46 -8.42 -7.03
N GLU B 191 -14.66 -8.04 -6.65
CA GLU B 191 -15.51 -8.90 -5.83
C GLU B 191 -15.79 -10.22 -6.52
N LEU B 192 -15.73 -11.29 -5.75
CA LEU B 192 -15.88 -12.66 -6.27
C LEU B 192 -17.31 -13.11 -6.44
N ASP B 193 -17.53 -13.85 -7.52
CA ASP B 193 -18.82 -14.49 -7.79
C ASP B 193 -18.89 -15.92 -7.25
N GLY B 194 -17.74 -16.51 -7.03
CA GLY B 194 -17.67 -17.83 -6.43
C GLY B 194 -16.22 -18.17 -6.12
N ILE B 195 -16.05 -19.26 -5.39
CA ILE B 195 -14.71 -19.73 -4.96
C ILE B 195 -14.63 -21.22 -5.23
N ILE B 196 -13.51 -21.67 -5.80
CA ILE B 196 -13.22 -23.10 -5.93
C ILE B 196 -12.09 -23.42 -4.96
N TYR B 197 -12.38 -24.32 -4.04
CA TYR B 197 -11.45 -24.76 -3.01
C TYR B 197 -10.87 -26.12 -3.41
N LEU B 198 -9.60 -26.15 -3.77
CA LEU B 198 -8.88 -27.39 -4.08
C LEU B 198 -8.31 -27.88 -2.77
N GLN B 199 -8.89 -28.95 -2.27
CA GLN B 199 -8.58 -29.44 -0.94
C GLN B 199 -7.59 -30.59 -1.09
N ALA B 200 -6.42 -30.44 -0.45
CA ALA B 200 -5.42 -31.52 -0.41
C ALA B 200 -4.88 -31.58 1.02
N THR B 201 -4.52 -32.77 1.50
CA THR B 201 -3.96 -32.87 2.84
C THR B 201 -2.61 -32.15 2.91
N PRO B 202 -2.21 -31.70 4.11
CA PRO B 202 -0.85 -31.19 4.28
C PRO B 202 0.21 -32.16 3.76
N GLU B 203 0.02 -33.46 3.98
CA GLU B 203 1.07 -34.45 3.48
C GLU B 203 1.18 -34.44 1.95
N THR B 204 0.03 -34.38 1.28
CA THR B 204 -0.02 -34.27 -0.20
C THR B 204 0.68 -32.99 -0.65
N CYS B 205 0.38 -31.89 0.03
CA CYS B 205 0.99 -30.61 -0.32
C CYS B 205 2.51 -30.61 -0.12
N LEU B 206 2.96 -31.22 0.98
CA LEU B 206 4.39 -31.33 1.21
C LEU B 206 5.07 -32.11 0.08
N HIS B 207 4.50 -33.25 -0.30
CA HIS B 207 5.01 -34.08 -1.39
C HIS B 207 5.08 -33.25 -2.70
N ARG B 208 4.03 -32.49 -2.99
CA ARG B 208 3.97 -31.72 -4.25
C ARG B 208 4.93 -30.55 -4.22
N ILE B 209 5.25 -30.02 -3.02
CA ILE B 209 6.29 -28.99 -2.87
C ILE B 209 7.64 -29.55 -3.37
N TYR B 210 7.91 -30.79 -2.98
CA TYR B 210 9.13 -31.50 -3.42
C TYR B 210 9.11 -31.77 -4.94
N LEU B 211 7.96 -32.20 -5.43
CA LEU B 211 7.79 -32.49 -6.86
C LEU B 211 8.07 -31.28 -7.70
N ARG B 212 7.54 -30.13 -7.28
CA ARG B 212 7.72 -28.90 -8.02
C ARG B 212 9.14 -28.35 -7.92
N GLY B 213 9.73 -28.49 -6.74
CA GLY B 213 11.15 -28.15 -6.52
C GLY B 213 11.53 -26.68 -6.47
N ARG B 214 10.60 -25.79 -6.12
CA ARG B 214 10.99 -24.39 -5.86
C ARG B 214 11.95 -24.36 -4.65
N ASN B 215 13.21 -23.95 -4.85
CA ASN B 215 14.27 -24.02 -3.84
C ASN B 215 13.88 -23.44 -2.49
N GLU B 216 13.26 -22.24 -2.54
CA GLU B 216 12.85 -21.48 -1.34
C GLU B 216 11.85 -22.22 -0.48
N GLU B 217 11.11 -23.16 -1.08
CA GLU B 217 10.03 -23.89 -0.38
C GLU B 217 10.45 -25.23 0.20
N GLN B 218 11.66 -25.67 -0.14
CA GLN B 218 12.06 -27.03 0.19
C GLN B 218 12.18 -27.26 1.69
N GLY B 219 12.47 -26.20 2.43
CA GLY B 219 12.56 -26.30 3.88
C GLY B 219 11.28 -26.11 4.69
N ILE B 220 10.13 -25.99 4.02
CA ILE B 220 8.87 -25.81 4.73
C ILE B 220 8.49 -27.08 5.50
N PRO B 221 8.25 -26.95 6.82
CA PRO B 221 7.84 -28.11 7.59
C PRO B 221 6.37 -28.46 7.42
N LEU B 222 6.05 -29.74 7.56
CA LEU B 222 4.66 -30.18 7.63
C LEU B 222 3.75 -29.32 8.56
N GLU B 223 4.26 -28.91 9.71
CA GLU B 223 3.45 -28.19 10.69
C GLU B 223 2.96 -26.83 10.14
N TYR B 224 3.78 -26.22 9.30
CA TYR B 224 3.47 -24.92 8.70
C TYR B 224 2.31 -25.11 7.73
N LEU B 225 2.41 -26.16 6.94
CA LEU B 225 1.32 -26.59 6.04
C LEU B 225 0.01 -26.94 6.78
N GLU B 226 0.14 -27.62 7.94
CA GLU B 226 -1.03 -27.95 8.78
C GLU B 226 -1.76 -26.68 9.20
N LYS B 227 -1.01 -25.68 9.63
CA LYS B 227 -1.60 -24.40 10.07
C LYS B 227 -2.33 -23.71 8.93
N LEU B 228 -1.73 -23.73 7.75
CA LEU B 228 -2.37 -23.12 6.60
C LEU B 228 -3.64 -23.89 6.21
N HIS B 229 -3.58 -25.21 6.36
CA HIS B 229 -4.71 -26.06 6.08
C HIS B 229 -5.87 -25.76 6.99
N TYR B 230 -5.62 -25.70 8.31
CA TYR B 230 -6.72 -25.40 9.25
C TYR B 230 -7.39 -24.05 8.94
N LYS B 231 -6.59 -23.04 8.59
CA LYS B 231 -7.15 -21.75 8.16
C LYS B 231 -8.04 -21.90 6.95
N HIS B 232 -7.60 -22.65 5.94
CA HIS B 232 -8.41 -22.84 4.72
C HIS B 232 -9.70 -23.54 5.09
N GLU B 233 -9.61 -24.57 5.92
CA GLU B 233 -10.77 -25.34 6.32
C GLU B 233 -11.73 -24.43 7.12
N SER B 234 -11.18 -23.60 8.00
CA SER B 234 -12.03 -22.70 8.77
C SER B 234 -12.76 -21.70 7.87
N TRP B 235 -12.07 -21.21 6.84
CA TRP B 235 -12.67 -20.23 5.90
C TRP B 235 -13.67 -20.84 4.96
N LEU B 236 -13.30 -21.95 4.34
CA LEU B 236 -14.00 -22.44 3.18
C LEU B 236 -14.87 -23.66 3.43
N LEU B 237 -14.64 -24.39 4.53
CA LEU B 237 -15.40 -25.63 4.81
C LEU B 237 -16.33 -25.39 5.98
N HIS B 238 -15.75 -25.05 7.13
CA HIS B 238 -16.52 -24.78 8.36
C HIS B 238 -17.18 -23.42 8.31
N ARG B 239 -16.62 -22.51 7.50
CA ARG B 239 -17.07 -21.13 7.37
C ARG B 239 -17.17 -20.41 8.71
N THR B 240 -16.19 -20.68 9.58
CA THR B 240 -16.09 -20.03 10.89
C THR B 240 -15.16 -18.84 10.85
N LEU B 241 -14.38 -18.70 9.78
CA LEU B 241 -13.41 -17.59 9.72
C LEU B 241 -14.12 -16.33 9.29
N LYS B 242 -14.12 -15.33 10.18
CA LYS B 242 -14.83 -14.05 9.99
C LYS B 242 -13.94 -13.00 9.31
N THR B 243 -14.40 -12.44 8.20
CA THR B 243 -13.66 -11.36 7.51
C THR B 243 -14.47 -10.07 7.64
N ASN B 244 -13.87 -8.92 7.32
CA ASN B 244 -14.69 -7.71 7.35
C ASN B 244 -15.28 -7.33 5.99
N PHE B 245 -15.42 -8.34 5.12
CA PHE B 245 -16.09 -8.20 3.82
C PHE B 245 -17.36 -9.04 3.84
N ASP B 246 -18.47 -8.39 4.14
CA ASP B 246 -19.70 -9.11 4.46
C ASP B 246 -20.21 -9.97 3.30
N TYR B 247 -20.08 -9.47 2.07
CA TYR B 247 -20.55 -10.19 0.88
C TYR B 247 -19.99 -11.60 0.75
N LEU B 248 -18.80 -11.83 1.29
CA LEU B 248 -18.12 -13.12 1.17
C LEU B 248 -18.88 -14.24 1.82
N GLN B 249 -19.65 -13.93 2.86
CA GLN B 249 -20.41 -14.95 3.56
C GLN B 249 -21.46 -15.57 2.64
N GLU B 250 -21.82 -14.84 1.59
CA GLU B 250 -22.80 -15.26 0.58
C GLU B 250 -22.22 -15.92 -0.70
N VAL B 251 -20.91 -15.94 -0.84
CA VAL B 251 -20.33 -16.39 -2.11
C VAL B 251 -20.31 -17.93 -2.09
N PRO B 252 -20.85 -18.59 -3.14
CA PRO B 252 -20.87 -20.04 -3.09
C PRO B 252 -19.47 -20.61 -3.29
N ILE B 253 -19.27 -21.76 -2.70
CA ILE B 253 -17.94 -22.41 -2.70
C ILE B 253 -18.11 -23.82 -3.23
N LEU B 254 -17.29 -24.16 -4.22
CA LEU B 254 -17.23 -25.51 -4.74
C LEU B 254 -15.97 -26.15 -4.20
N THR B 255 -16.09 -27.20 -3.36
CA THR B 255 -14.89 -27.83 -2.82
C THR B 255 -14.58 -29.05 -3.66
N LEU B 256 -13.32 -29.14 -4.11
CA LEU B 256 -12.88 -30.25 -4.94
C LEU B 256 -11.72 -30.99 -4.24
N ASP B 257 -11.83 -32.30 -4.08
CA ASP B 257 -10.75 -33.08 -3.43
C ASP B 257 -9.71 -33.41 -4.48
N VAL B 258 -8.49 -32.90 -4.29
CA VAL B 258 -7.46 -33.12 -5.28
C VAL B 258 -6.30 -33.96 -4.75
N ASN B 259 -6.58 -34.78 -3.74
CA ASN B 259 -5.52 -35.55 -3.14
C ASN B 259 -4.98 -36.65 -4.03
N GLU B 260 -5.79 -37.11 -4.97
CA GLU B 260 -5.35 -38.22 -5.80
C GLU B 260 -4.45 -37.72 -6.93
N ASP B 261 -3.57 -38.60 -7.38
CA ASP B 261 -2.79 -38.38 -8.60
C ASP B 261 -3.73 -37.96 -9.75
N PHE B 262 -3.32 -36.97 -10.54
CA PHE B 262 -4.18 -36.55 -11.64
C PHE B 262 -4.08 -37.51 -12.81
N TYR B 266 -9.44 -36.39 -12.68
CA TYR B 266 -9.30 -34.95 -12.77
C TYR B 266 -10.36 -34.43 -13.70
N GLU B 267 -10.58 -35.14 -14.81
CA GLU B 267 -11.68 -34.88 -15.78
C GLU B 267 -13.01 -34.54 -15.09
N SER B 268 -13.42 -35.40 -14.15
CA SER B 268 -14.66 -35.22 -13.39
C SER B 268 -14.70 -33.94 -12.54
N LEU B 269 -13.56 -33.57 -11.95
CA LEU B 269 -13.45 -32.28 -11.24
C LEU B 269 -13.64 -31.11 -12.22
N VAL B 270 -13.04 -31.20 -13.40
CA VAL B 270 -13.13 -30.14 -14.40
C VAL B 270 -14.57 -29.92 -14.85
N GLU B 271 -15.30 -31.02 -15.02
CA GLU B 271 -16.68 -30.97 -15.50
C GLU B 271 -17.55 -30.31 -14.44
N LYS B 272 -17.25 -30.63 -13.18
CA LYS B 272 -17.95 -30.07 -12.01
C LYS B 272 -17.83 -28.53 -11.92
N VAL B 273 -16.69 -27.99 -12.36
CA VAL B 273 -16.49 -26.54 -12.43
C VAL B 273 -17.36 -25.88 -13.50
N LYS B 274 -17.26 -26.44 -14.71
CA LYS B 274 -18.03 -26.00 -15.86
C LYS B 274 -19.49 -25.83 -15.45
N GLU B 275 -19.99 -26.77 -14.66
CA GLU B 275 -21.37 -26.73 -14.23
C GLU B 275 -21.68 -25.83 -13.01
N PHE B 276 -20.77 -25.77 -12.04
CA PHE B 276 -20.85 -24.79 -10.95
C PHE B 276 -20.97 -23.38 -11.55
N LEU B 277 -20.22 -23.08 -12.60
CA LEU B 277 -20.25 -21.75 -13.23
C LEU B 277 -21.63 -21.41 -13.84
N SER B 278 -22.34 -22.43 -14.29
CA SER B 278 -23.67 -22.21 -14.86
C SER B 278 -24.70 -21.80 -13.79
N THR B 279 -24.40 -22.06 -12.52
CA THR B 279 -25.27 -21.64 -11.43
C THR B 279 -25.01 -20.20 -10.92
N LEU B 280 -23.90 -19.60 -11.34
CA LEU B 280 -23.48 -18.28 -10.85
C LEU B 280 -24.08 -17.11 -11.64
PB ADP C . 6.42 21.48 10.12
O1B ADP C . 7.08 20.19 10.60
O2B ADP C . 4.95 21.37 9.91
O3B ADP C . 7.11 22.07 8.94
PA ADP C . 5.72 23.16 12.42
O1A ADP C . 4.77 24.07 11.70
O2A ADP C . 5.16 22.08 13.30
O3A ADP C . 6.67 22.56 11.29
O5' ADP C . 6.72 24.10 13.26
C5' ADP C . 7.82 23.56 13.98
C4' ADP C . 8.03 24.35 15.27
O4' ADP C . 8.55 25.66 14.92
C3' ADP C . 6.75 24.60 16.09
O3' ADP C . 7.12 24.56 17.48
C2' ADP C . 6.31 26.00 15.69
O2' ADP C . 5.74 26.79 16.74
C1' ADP C . 7.62 26.68 15.38
N9 ADP C . 7.64 27.64 14.26
C8 ADP C . 7.25 27.41 13.00
N7 ADP C . 7.50 28.49 12.21
C5 ADP C . 8.06 29.41 13.00
C6 ADP C . 8.56 30.78 12.75
N6 ADP C . 8.51 31.29 11.58
N1 ADP C . 9.06 31.42 13.81
C2 ADP C . 9.14 30.86 15.17
N3 ADP C . 8.64 29.52 15.35
C4 ADP C . 8.14 28.85 14.26
O5' GEO D . 6.62 15.41 9.23
C5' GEO D . 6.34 14.57 10.35
C4' GEO D . 7.46 13.54 10.58
O4' GEO D . 7.33 12.52 9.57
C1' GEO D . 8.61 12.28 8.97
N1 GEO D . 8.46 11.94 7.55
C6 GEO D . 7.58 12.50 6.81
C5 GEO D . 7.27 11.96 5.67
C4 GEO D . 7.96 10.99 5.14
N3 GEO D . 8.98 10.48 5.82
C2 GEO D . 9.25 10.96 7.05
O2 GEO D . 10.25 10.48 7.73
N4 GEO D . 7.68 10.49 3.91
C2' GEO D . 9.39 13.59 9.17
F1 GEO D . 9.09 14.51 8.25
F2 GEO D . 10.68 13.37 9.15
C3' GEO D . 8.89 14.06 10.52
O3' GEO D . 9.62 13.46 11.60
PB ADP E . -0.08 -24.60 -6.71
O1B ADP E . 1.01 -24.05 -5.84
O2B ADP E . -0.37 -23.76 -7.88
O3B ADP E . -1.28 -24.98 -5.94
PA ADP E . 0.97 -26.47 -8.73
O1A ADP E . -0.18 -26.46 -9.75
O2A ADP E . 2.21 -25.73 -9.05
O3A ADP E . 0.46 -26.05 -7.26
O5' ADP E . 1.23 -28.02 -8.39
C5' ADP E . 2.37 -28.34 -7.59
C4' ADP E . 3.10 -29.61 -8.07
O4' ADP E . 2.26 -30.76 -7.97
C3' ADP E . 3.51 -29.48 -9.54
O3' ADP E . 4.79 -30.08 -9.66
C2' ADP E . 2.40 -30.26 -10.25
O2' ADP E . 2.85 -30.90 -11.42
C1' ADP E . 1.99 -31.34 -9.26
N9 ADP E . 0.54 -31.66 -9.21
C8 ADP E . -0.47 -30.78 -9.06
N7 ADP E . -1.66 -31.44 -9.00
C5 ADP E . -1.38 -32.76 -9.07
C6 ADP E . -2.18 -33.99 -9.01
N6 ADP E . -3.43 -33.96 -8.87
N1 ADP E . -1.54 -35.16 -9.09
C2 ADP E . -0.11 -35.30 -9.24
N3 ADP E . 0.62 -34.05 -9.28
C4 ADP E . -0.02 -32.86 -9.18
O5' GEO F . 2.10 -19.64 -4.01
C5' GEO F . 3.49 -19.27 -4.17
C4' GEO F . 4.16 -19.04 -2.83
O4' GEO F . 3.71 -17.77 -2.26
C1' GEO F . 3.37 -18.00 -0.91
N1 GEO F . 2.31 -17.08 -0.54
C6 GEO F . 1.36 -16.74 -1.33
C5 GEO F . 0.57 -15.76 -0.99
C4 GEO F . 0.66 -15.15 0.13
N3 GEO F . 1.60 -15.49 0.99
C2 GEO F . 2.44 -16.48 0.65
O2 GEO F . 3.39 -16.84 1.50
N4 GEO F . -0.15 -14.10 0.48
C2' GEO F . 3.00 -19.47 -0.79
F1 GEO F . 1.73 -19.67 -1.13
F2 GEO F . 3.27 -19.91 0.42
C3' GEO F . 3.87 -20.15 -1.82
O3' GEO F . 5.13 -20.54 -1.24
#